data_4N2P
#
_entry.id   4N2P
#
_cell.length_a   72.219
_cell.length_b   55.386
_cell.length_c   87.085
_cell.angle_alpha   90.00
_cell.angle_beta   91.13
_cell.angle_gamma   90.00
#
_symmetry.space_group_name_H-M   'P 1 21 1'
#
loop_
_entity.id
_entity.type
_entity.pdbx_description
1 polymer 'Protein archease'
2 non-polymer 'CALCIUM ION'
3 non-polymer 'ACETATE ION'
4 non-polymer (4S)-2-METHYL-2,4-PENTANEDIOL
5 water water
#
_entity_poly.entity_id   1
_entity_poly.type   'polypeptide(L)'
_entity_poly.pdbx_seq_one_letter_code
;(MSE)LKKWEHYEHTADIGIRGYGDSLEEAFEAVAIALFDV(MSE)VNVNKVEKKEVREIEVEAEDLEALLYSFLEELLV
IHDIEGLVFRDFEVKIERVNGKYRLRAKAYGEKLDLKKHEPKEEVKAITYHD(MSE)KIERLPNGKW(MSE)AQLVPDI
;
_entity_poly.pdbx_strand_id   A,B,C,D
#
# COMPACT_ATOMS: atom_id res chain seq x y z
N LEU A 2 -20.42 -18.19 -30.08
CA LEU A 2 -20.66 -17.28 -28.98
C LEU A 2 -19.43 -17.19 -28.09
N LYS A 3 -19.15 -15.99 -27.58
CA LYS A 3 -17.93 -15.80 -26.82
C LYS A 3 -18.02 -16.59 -25.53
N LYS A 4 -16.88 -17.02 -25.04
CA LYS A 4 -16.86 -17.85 -23.87
C LYS A 4 -15.64 -17.59 -23.05
N TRP A 5 -15.71 -18.03 -21.81
CA TRP A 5 -14.65 -17.73 -20.87
C TRP A 5 -14.49 -18.84 -19.86
N GLU A 6 -13.36 -18.81 -19.17
CA GLU A 6 -13.06 -19.83 -18.18
C GLU A 6 -12.06 -19.32 -17.16
N HIS A 7 -12.04 -20.02 -16.04
CA HIS A 7 -10.99 -19.87 -15.04
C HIS A 7 -9.99 -20.98 -15.29
N TYR A 8 -8.73 -20.74 -14.92
CA TYR A 8 -7.72 -21.79 -15.00
C TYR A 8 -6.74 -21.72 -13.87
N GLU A 9 -6.12 -22.86 -13.57
CA GLU A 9 -5.22 -23.00 -12.43
C GLU A 9 -3.86 -22.43 -12.80
N HIS A 10 -3.26 -21.71 -11.87
CA HIS A 10 -1.92 -21.17 -12.04
C HIS A 10 -1.27 -21.09 -10.66
N THR A 11 0.06 -21.06 -10.64
CA THR A 11 0.75 -20.83 -9.37
C THR A 11 0.31 -19.49 -8.78
N ALA A 12 0.26 -19.45 -7.46
CA ALA A 12 -0.09 -18.26 -6.69
C ALA A 12 0.93 -18.14 -5.56
N ASP A 13 1.75 -17.10 -5.63
CA ASP A 13 2.83 -16.90 -4.68
C ASP A 13 3.69 -18.17 -4.63
N ILE A 14 4.20 -18.51 -3.45
CA ILE A 14 5.05 -19.69 -3.28
C ILE A 14 4.90 -20.16 -1.84
N GLY A 15 4.99 -21.47 -1.62
CA GLY A 15 4.97 -22.00 -0.27
C GLY A 15 6.37 -22.15 0.28
N ILE A 16 6.52 -21.86 1.57
CA ILE A 16 7.77 -22.14 2.26
C ILE A 16 7.46 -23.05 3.45
N ARG A 17 8.37 -23.95 3.74
CA ARG A 17 8.14 -24.95 4.78
C ARG A 17 9.44 -25.34 5.43
N GLY A 18 9.40 -25.50 6.74
CA GLY A 18 10.52 -25.99 7.50
C GLY A 18 10.14 -27.17 8.38
N TYR A 19 11.08 -28.09 8.55
CA TYR A 19 10.90 -29.24 9.43
C TYR A 19 12.05 -29.30 10.41
N GLY A 20 11.77 -29.69 11.64
CA GLY A 20 12.82 -29.86 12.61
C GLY A 20 12.48 -30.83 13.72
N ASP A 21 13.48 -31.16 14.52
CA ASP A 21 13.30 -32.05 15.66
C ASP A 21 12.52 -31.41 16.80
N SER A 22 12.46 -30.08 16.76
CA SER A 22 11.77 -29.29 17.76
C SER A 22 11.02 -28.14 17.08
N LEU A 23 10.08 -27.54 17.80
CA LEU A 23 9.37 -26.37 17.32
C LEU A 23 10.34 -25.26 16.92
N GLU A 24 11.32 -25.03 17.77
CA GLU A 24 12.34 -23.99 17.52
CA GLU A 24 12.32 -24.00 17.53
C GLU A 24 13.07 -24.25 16.21
N GLU A 25 13.49 -25.49 15.98
CA GLU A 25 14.18 -25.81 14.75
C GLU A 25 13.29 -25.70 13.51
N ALA A 26 12.01 -26.02 13.63
CA ALA A 26 11.08 -25.79 12.52
C ALA A 26 10.98 -24.30 12.20
N PHE A 27 10.92 -23.45 13.22
CA PHE A 27 10.92 -21.99 13.02
C PHE A 27 12.20 -21.57 12.30
N GLU A 28 13.36 -22.07 12.75
CA GLU A 28 14.65 -21.74 12.10
C GLU A 28 14.61 -22.14 10.64
N ALA A 29 14.15 -23.37 10.38
CA ALA A 29 14.15 -23.91 9.03
C ALA A 29 13.23 -23.15 8.09
N VAL A 30 12.04 -22.78 8.54
CA VAL A 30 11.15 -22.04 7.66
C VAL A 30 11.67 -20.64 7.37
N ALA A 31 12.42 -20.07 8.31
CA ALA A 31 13.08 -18.79 8.05
C ALA A 31 14.17 -18.93 6.99
N ILE A 32 14.88 -20.06 6.98
CA ILE A 32 15.85 -20.30 5.91
C ILE A 32 15.10 -20.36 4.56
N ALA A 33 14.00 -21.09 4.56
CA ALA A 33 13.16 -21.22 3.37
C ALA A 33 12.73 -19.85 2.86
N LEU A 34 12.38 -18.96 3.77
CA LEU A 34 11.97 -17.60 3.42
C LEU A 34 13.09 -16.88 2.68
N PHE A 35 14.30 -16.92 3.23
CA PHE A 35 15.41 -16.28 2.54
C PHE A 35 15.77 -16.95 1.23
N ASP A 36 15.52 -18.24 1.12
CA ASP A 36 15.77 -18.92 -0.16
C ASP A 36 14.75 -18.54 -1.24
N VAL A 37 13.69 -17.84 -0.88
CA VAL A 37 12.84 -17.24 -1.92
C VAL A 37 13.56 -16.08 -2.61
N VAL A 39 17.10 -15.22 -2.42
CA VAL A 39 18.46 -15.49 -2.87
C VAL A 39 18.71 -17.00 -2.86
N ASN A 40 19.84 -17.42 -3.38
CA ASN A 40 20.29 -18.77 -3.15
C ASN A 40 20.89 -18.78 -1.76
N VAL A 41 20.13 -19.26 -0.79
CA VAL A 41 20.51 -19.12 0.60
C VAL A 41 21.85 -19.84 0.89
N ASN A 42 22.18 -20.85 0.09
CA ASN A 42 23.43 -21.57 0.27
C ASN A 42 24.66 -20.70 0.06
N LYS A 43 24.47 -19.54 -0.58
CA LYS A 43 25.57 -18.63 -0.90
C LYS A 43 25.74 -17.51 0.13
N VAL A 44 24.90 -17.53 1.16
CA VAL A 44 24.92 -16.47 2.17
C VAL A 44 25.86 -16.87 3.28
N GLU A 45 26.89 -16.06 3.53
CA GLU A 45 27.85 -16.34 4.59
C GLU A 45 27.40 -15.67 5.88
N LYS A 46 27.87 -16.19 7.01
CA LYS A 46 27.47 -15.70 8.31
C LYS A 46 28.51 -14.70 8.82
N LYS A 47 28.36 -13.45 8.42
CA LYS A 47 29.32 -12.41 8.75
C LYS A 47 28.81 -11.44 9.80
N GLU A 48 27.48 -11.28 9.86
CA GLU A 48 26.83 -10.32 10.74
C GLU A 48 25.68 -11.03 11.47
N VAL A 49 25.32 -10.51 12.64
CA VAL A 49 24.21 -11.07 13.41
C VAL A 49 23.23 -9.97 13.78
N ARG A 50 21.94 -10.31 13.75
CA ARG A 50 20.92 -9.47 14.29
C ARG A 50 20.06 -10.32 15.22
N GLU A 51 19.64 -9.70 16.31
CA GLU A 51 18.81 -10.37 17.30
C GLU A 51 17.38 -9.89 17.20
N ILE A 52 16.45 -10.83 17.37
CA ILE A 52 15.03 -10.52 17.39
C ILE A 52 14.42 -10.96 18.70
N GLU A 53 13.49 -10.15 19.21
CA GLU A 53 12.62 -10.58 20.31
C GLU A 53 11.20 -10.11 20.01
N VAL A 54 10.26 -11.04 20.07
CA VAL A 54 8.86 -10.71 19.89
C VAL A 54 8.02 -11.59 20.80
N GLU A 55 6.87 -11.06 21.24
CA GLU A 55 5.88 -11.84 21.99
C GLU A 55 4.59 -11.93 21.19
N ALA A 56 3.82 -12.97 21.46
CA ALA A 56 2.51 -13.16 20.84
C ALA A 56 1.64 -14.06 21.69
N GLU A 57 0.34 -14.07 21.41
CA GLU A 57 -0.60 -14.86 22.20
C GLU A 57 -0.71 -16.30 21.72
N ASP A 58 -0.22 -16.58 20.52
CA ASP A 58 -0.26 -17.93 19.98
C ASP A 58 0.91 -18.14 19.02
N LEU A 59 1.19 -19.39 18.68
CA LEU A 59 2.36 -19.71 17.89
C LEU A 59 2.29 -19.18 16.45
N GLU A 60 1.10 -19.12 15.88
CA GLU A 60 0.93 -18.59 14.52
C GLU A 60 1.30 -17.12 14.47
N ALA A 61 0.76 -16.33 15.39
CA ALA A 61 1.16 -14.93 15.48
C ALA A 61 2.65 -14.79 15.81
N LEU A 62 3.18 -15.71 16.60
CA LEU A 62 4.61 -15.66 16.90
C LEU A 62 5.47 -15.86 15.65
N LEU A 63 5.10 -16.85 14.85
CA LEU A 63 5.82 -17.12 13.61
C LEU A 63 5.68 -15.96 12.64
N TYR A 64 4.47 -15.47 12.46
CA TYR A 64 4.25 -14.29 11.61
C TYR A 64 5.18 -13.15 12.06
N SER A 65 5.18 -12.88 13.36
CA SER A 65 5.93 -11.74 13.89
C SER A 65 7.45 -11.89 13.67
N PHE A 66 7.96 -13.07 13.98
CA PHE A 66 9.37 -13.41 13.76
C PHE A 66 9.74 -13.19 12.29
N LEU A 67 9.00 -13.82 11.38
CA LEU A 67 9.34 -13.73 9.95
C LEU A 67 9.17 -12.30 9.41
N GLU A 68 8.15 -11.59 9.87
CA GLU A 68 7.93 -10.24 9.37
C GLU A 68 9.05 -9.30 9.85
N GLU A 69 9.55 -9.50 11.07
CA GLU A 69 10.68 -8.70 11.53
C GLU A 69 11.95 -9.03 10.74
N LEU A 70 12.16 -10.29 10.40
CA LEU A 70 13.29 -10.63 9.52
C LEU A 70 13.15 -9.90 8.17
N LEU A 71 11.94 -9.89 7.64
CA LEU A 71 11.70 -9.23 6.35
C LEU A 71 11.99 -7.73 6.44
N VAL A 72 11.56 -7.13 7.54
CA VAL A 72 11.84 -5.72 7.78
C VAL A 72 13.33 -5.44 7.86
N ILE A 73 14.09 -6.28 8.58
CA ILE A 73 15.52 -6.10 8.64
C ILE A 73 16.10 -6.14 7.23
N HIS A 74 15.65 -7.13 6.47
CA HIS A 74 16.07 -7.26 5.10
C HIS A 74 15.78 -6.00 4.29
N ASP A 75 14.57 -5.48 4.43
CA ASP A 75 14.14 -4.32 3.65
C ASP A 75 14.89 -3.04 4.05
N ILE A 76 15.20 -2.89 5.32
CA ILE A 76 15.85 -1.67 5.80
C ILE A 76 17.35 -1.71 5.57
N GLU A 77 17.98 -2.83 5.94
CA GLU A 77 19.44 -2.94 5.94
C GLU A 77 20.01 -3.72 4.74
N GLY A 78 19.17 -4.37 3.97
CA GLY A 78 19.65 -5.12 2.83
C GLY A 78 20.42 -6.35 3.23
N LEU A 79 20.16 -6.86 4.43
CA LEU A 79 20.76 -8.11 4.87
C LEU A 79 19.96 -9.30 4.38
N VAL A 80 20.69 -10.37 4.09
CA VAL A 80 20.10 -11.68 3.84
C VAL A 80 20.71 -12.66 4.84
N PHE A 81 19.92 -13.65 5.24
CA PHE A 81 20.31 -14.55 6.31
C PHE A 81 20.38 -16.01 5.89
N ARG A 82 21.38 -16.70 6.43
CA ARG A 82 21.61 -18.13 6.16
C ARG A 82 21.02 -19.06 7.21
N ASP A 83 21.07 -18.67 8.48
CA ASP A 83 20.63 -19.56 9.54
C ASP A 83 20.25 -18.75 10.75
N PHE A 84 19.65 -19.43 11.70
CA PHE A 84 18.99 -18.82 12.85
C PHE A 84 19.12 -19.73 14.05
N GLU A 85 19.19 -19.09 15.22
CA GLU A 85 19.02 -19.77 16.49
CA GLU A 85 19.02 -19.78 16.50
C GLU A 85 17.79 -19.20 17.17
N VAL A 86 16.78 -20.02 17.38
CA VAL A 86 15.50 -19.59 17.92
C VAL A 86 15.24 -20.21 19.29
N LYS A 87 14.78 -19.38 20.22
CA LYS A 87 14.34 -19.87 21.53
C LYS A 87 12.90 -19.40 21.75
N ILE A 88 12.01 -20.33 22.12
CA ILE A 88 10.63 -20.01 22.39
C ILE A 88 10.30 -20.43 23.81
N GLU A 89 9.70 -19.51 24.57
CA GLU A 89 9.33 -19.79 25.95
C GLU A 89 7.99 -19.17 26.26
N ARG A 90 7.41 -19.58 27.38
CA ARG A 90 6.22 -18.92 27.92
C ARG A 90 6.58 -17.93 29.03
N VAL A 91 6.12 -16.70 28.89
CA VAL A 91 6.41 -15.65 29.86
C VAL A 91 5.16 -14.84 30.17
N ASN A 92 4.70 -14.93 31.41
CA ASN A 92 3.56 -14.15 31.86
C ASN A 92 2.37 -14.25 30.90
N GLY A 93 2.03 -15.47 30.54
CA GLY A 93 0.83 -15.73 29.75
C GLY A 93 0.95 -15.46 28.26
N LYS A 94 2.17 -15.23 27.77
CA LYS A 94 2.41 -15.06 26.34
C LYS A 94 3.53 -15.97 25.88
N TYR A 95 3.62 -16.18 24.57
CA TYR A 95 4.80 -16.77 24.00
C TYR A 95 5.81 -15.66 23.75
N ARG A 96 7.07 -15.95 24.06
CA ARG A 96 8.18 -15.08 23.76
C ARG A 96 9.20 -15.80 22.90
N LEU A 97 9.54 -15.19 21.78
CA LEU A 97 10.58 -15.71 20.88
C LEU A 97 11.78 -14.79 20.95
N ARG A 98 12.95 -15.40 21.06
CA ARG A 98 14.21 -14.68 20.87
C ARG A 98 14.97 -15.41 19.79
N ALA A 99 15.59 -14.68 18.88
CA ALA A 99 16.36 -15.33 17.84
C ALA A 99 17.62 -14.56 17.54
N LYS A 100 18.62 -15.30 17.06
CA LYS A 100 19.78 -14.72 16.43
C LYS A 100 19.77 -15.12 14.97
N ALA A 101 19.94 -14.13 14.09
CA ALA A 101 19.93 -14.34 12.66
C ALA A 101 21.31 -14.03 12.12
N TYR A 102 21.86 -14.95 11.34
CA TYR A 102 23.23 -14.86 10.88
C TYR A 102 23.26 -14.71 9.37
N GLY A 103 23.96 -13.70 8.87
CA GLY A 103 23.96 -13.42 7.46
C GLY A 103 24.92 -12.32 7.07
N GLU A 104 24.61 -11.67 5.95
CA GLU A 104 25.49 -10.64 5.40
C GLU A 104 24.73 -9.73 4.47
N LYS A 105 25.38 -8.65 4.05
CA LYS A 105 24.80 -7.74 3.08
C LYS A 105 24.56 -8.44 1.76
N LEU A 106 23.42 -8.16 1.15
CA LEU A 106 23.16 -8.64 -0.21
C LEU A 106 24.32 -8.30 -1.14
N ASP A 107 24.70 -9.27 -1.96
CA ASP A 107 25.81 -9.18 -2.91
C ASP A 107 25.24 -9.68 -4.22
N LEU A 108 24.98 -8.76 -5.14
CA LEU A 108 24.30 -9.09 -6.38
C LEU A 108 25.09 -10.05 -7.26
N LYS A 109 26.42 -10.06 -7.11
CA LYS A 109 27.27 -10.95 -7.92
C LYS A 109 27.34 -12.37 -7.38
N LYS A 110 27.02 -12.53 -6.09
CA LYS A 110 27.26 -13.78 -5.39
C LYS A 110 25.99 -14.52 -5.00
N HIS A 111 24.98 -13.78 -4.60
CA HIS A 111 23.83 -14.39 -3.94
C HIS A 111 22.72 -14.87 -4.87
N GLU A 112 22.86 -14.68 -6.17
CA GLU A 112 21.89 -15.19 -7.13
C GLU A 112 20.46 -14.74 -6.81
N PRO A 113 20.28 -13.41 -6.71
CA PRO A 113 18.97 -12.88 -6.33
C PRO A 113 17.86 -13.38 -7.21
N LYS A 114 16.77 -13.76 -6.54
CA LYS A 114 15.62 -14.37 -7.19
C LYS A 114 14.46 -13.38 -7.25
N GLU A 115 13.59 -13.40 -6.24
CA GLU A 115 12.51 -12.43 -6.17
C GLU A 115 12.31 -11.95 -4.73
N GLU A 116 11.91 -10.70 -4.59
CA GLU A 116 11.65 -10.18 -3.27
C GLU A 116 10.32 -10.66 -2.72
N VAL A 117 10.31 -10.82 -1.40
CA VAL A 117 9.08 -11.07 -0.68
C VAL A 117 8.44 -9.74 -0.28
N LYS A 118 7.18 -9.57 -0.69
CA LYS A 118 6.41 -8.37 -0.40
C LYS A 118 5.91 -8.32 1.04
N ALA A 119 5.45 -9.45 1.54
CA ALA A 119 4.89 -9.51 2.89
C ALA A 119 4.82 -10.93 3.37
N ILE A 120 5.02 -11.12 4.67
CA ILE A 120 4.63 -12.35 5.34
C ILE A 120 3.10 -12.31 5.43
N THR A 121 2.46 -13.47 5.35
CA THR A 121 1.02 -13.56 5.48
C THR A 121 0.67 -14.75 6.37
N TYR A 122 -0.61 -14.87 6.71
CA TYR A 122 -1.12 -16.06 7.39
C TYR A 122 -1.68 -17.10 6.40
N HIS A 123 -1.51 -16.84 5.11
CA HIS A 123 -2.08 -17.73 4.10
C HIS A 123 -1.42 -19.10 4.20
N ASP A 124 -2.25 -20.13 4.37
CA ASP A 124 -1.79 -21.51 4.45
C ASP A 124 -0.85 -21.74 5.61
N LYS A 126 0.56 -23.06 8.93
CA LYS A 126 0.34 -24.20 9.76
C LYS A 126 1.60 -24.49 10.53
N ILE A 127 1.41 -24.81 11.81
CA ILE A 127 2.49 -25.22 12.68
C ILE A 127 2.01 -26.46 13.38
N GLU A 128 2.74 -27.55 13.24
CA GLU A 128 2.29 -28.76 13.88
C GLU A 128 3.36 -29.78 14.20
N ARG A 129 3.08 -30.55 15.24
CA ARG A 129 3.90 -31.67 15.61
C ARG A 129 3.32 -32.86 14.86
N LEU A 130 4.14 -33.43 13.99
CA LEU A 130 3.73 -34.54 13.16
C LEU A 130 3.69 -35.81 13.99
N PRO A 131 2.96 -36.81 13.49
CA PRO A 131 2.84 -38.08 14.20
C PRO A 131 4.18 -38.69 14.54
N ASN A 132 5.19 -38.46 13.71
CA ASN A 132 6.53 -39.01 13.94
C ASN A 132 7.37 -38.18 14.92
N GLY A 133 6.76 -37.15 15.51
CA GLY A 133 7.44 -36.36 16.52
C GLY A 133 8.28 -35.20 16.00
N LYS A 134 8.39 -35.08 14.68
CA LYS A 134 9.06 -33.93 14.10
C LYS A 134 8.05 -32.80 14.04
N TRP A 135 8.54 -31.59 13.89
CA TRP A 135 7.71 -30.41 13.80
C TRP A 135 7.78 -29.79 12.41
N ALA A 137 6.58 -26.20 10.13
CA ALA A 137 5.99 -24.86 10.02
C ALA A 137 5.95 -24.49 8.56
N GLN A 138 4.84 -23.94 8.09
CA GLN A 138 4.70 -23.52 6.69
C GLN A 138 3.83 -22.28 6.56
N LEU A 139 3.95 -21.61 5.42
CA LEU A 139 3.05 -20.52 5.04
C LEU A 139 3.32 -20.17 3.59
N VAL A 140 2.47 -19.32 3.04
CA VAL A 140 2.62 -18.82 1.68
C VAL A 140 2.79 -17.31 1.73
N PRO A 141 4.04 -16.85 1.70
CA PRO A 141 4.26 -15.39 1.66
C PRO A 141 3.79 -14.78 0.35
N ASP A 142 3.66 -13.45 0.36
CA ASP A 142 3.23 -12.71 -0.79
C ASP A 142 4.46 -12.32 -1.60
N ILE A 143 4.56 -12.83 -2.82
CA ILE A 143 5.63 -12.42 -3.75
C ILE A 143 5.04 -11.75 -4.96
N LEU B 2 18.86 -33.30 10.87
CA LEU B 2 19.20 -31.95 10.49
C LEU B 2 17.93 -31.25 10.03
N LYS B 3 17.68 -30.05 10.53
CA LYS B 3 16.49 -29.32 10.13
C LYS B 3 16.50 -29.12 8.61
N LYS B 4 15.31 -29.16 8.02
CA LYS B 4 15.12 -29.20 6.57
C LYS B 4 14.19 -28.12 6.14
N TRP B 5 14.47 -27.52 4.99
N TRP B 5 14.47 -27.54 4.98
CA TRP B 5 13.58 -26.52 4.44
CA TRP B 5 13.63 -26.49 4.43
C TRP B 5 13.31 -26.82 2.98
C TRP B 5 13.35 -26.76 2.96
N GLU B 6 12.19 -26.29 2.50
CA GLU B 6 11.79 -26.46 1.13
C GLU B 6 10.84 -25.35 0.72
N HIS B 7 10.65 -25.25 -0.59
CA HIS B 7 9.53 -24.52 -1.14
C HIS B 7 8.54 -25.52 -1.67
N TYR B 8 7.29 -25.09 -1.78
CA TYR B 8 6.26 -25.93 -2.33
C TYR B 8 5.33 -25.17 -3.26
N GLU B 9 4.78 -25.90 -4.22
CA GLU B 9 3.93 -25.29 -5.22
C GLU B 9 2.58 -25.04 -4.59
N HIS B 10 2.10 -23.82 -4.77
CA HIS B 10 0.81 -23.40 -4.27
C HIS B 10 0.07 -22.83 -5.46
N THR B 11 -1.12 -23.34 -5.71
CA THR B 11 -1.87 -22.93 -6.88
C THR B 11 -3.21 -22.33 -6.51
N ALA B 12 -3.88 -21.75 -7.49
CA ALA B 12 -5.19 -21.17 -7.30
C ALA B 12 -5.85 -21.05 -8.67
N ASP B 13 -7.17 -21.01 -8.68
CA ASP B 13 -7.93 -20.88 -9.91
C ASP B 13 -8.09 -19.42 -10.24
N ILE B 14 -6.96 -18.78 -10.47
CA ILE B 14 -6.88 -17.33 -10.61
C ILE B 14 -6.54 -16.88 -12.04
N GLY B 15 -6.32 -17.81 -12.94
CA GLY B 15 -6.20 -17.47 -14.34
C GLY B 15 -7.58 -17.18 -14.94
N ILE B 16 -7.65 -16.14 -15.75
CA ILE B 16 -8.89 -15.84 -16.49
C ILE B 16 -8.58 -15.85 -17.97
N ARG B 17 -9.50 -16.37 -18.76
CA ARG B 17 -9.29 -16.53 -20.17
C ARG B 17 -10.60 -16.34 -20.90
N GLY B 18 -10.55 -15.56 -21.98
CA GLY B 18 -11.69 -15.38 -22.85
C GLY B 18 -11.38 -15.77 -24.28
N TYR B 19 -12.40 -16.28 -24.96
CA TYR B 19 -12.29 -16.70 -26.35
C TYR B 19 -13.41 -16.03 -27.13
N GLY B 20 -13.11 -15.62 -28.36
CA GLY B 20 -14.15 -15.02 -29.19
C GLY B 20 -13.81 -15.10 -30.67
N ASP B 21 -14.82 -14.85 -31.51
CA ASP B 21 -14.64 -14.82 -32.96
C ASP B 21 -13.84 -13.59 -33.38
N SER B 22 -13.73 -12.63 -32.47
CA SER B 22 -13.06 -11.38 -32.71
C SER B 22 -12.21 -11.03 -31.49
N LEU B 23 -11.22 -10.19 -31.72
CA LEU B 23 -10.39 -9.67 -30.64
C LEU B 23 -11.26 -8.95 -29.61
N GLU B 24 -12.19 -8.15 -30.08
CA GLU B 24 -13.10 -7.45 -29.17
C GLU B 24 -13.87 -8.43 -28.29
N GLU B 25 -14.38 -9.51 -28.87
CA GLU B 25 -15.10 -10.51 -28.07
C GLU B 25 -14.19 -11.21 -27.06
N ALA B 26 -12.93 -11.48 -27.43
CA ALA B 26 -12.01 -12.05 -26.45
C ALA B 26 -11.82 -11.10 -25.27
N PHE B 27 -11.70 -9.80 -25.53
CA PHE B 27 -11.61 -8.80 -24.45
C PHE B 27 -12.88 -8.82 -23.60
N GLU B 28 -14.03 -8.87 -24.25
CA GLU B 28 -15.30 -8.90 -23.51
C GLU B 28 -15.38 -10.12 -22.62
N ALA B 29 -15.03 -11.27 -23.19
CA ALA B 29 -15.13 -12.54 -22.48
C ALA B 29 -14.18 -12.63 -21.29
N VAL B 30 -12.96 -12.13 -21.43
CA VAL B 30 -12.02 -12.20 -20.32
C VAL B 30 -12.47 -11.24 -19.21
N ALA B 31 -13.12 -10.14 -19.58
CA ALA B 31 -13.70 -9.25 -18.57
C ALA B 31 -14.86 -9.91 -17.82
N ILE B 32 -15.65 -10.73 -18.49
CA ILE B 32 -16.67 -11.51 -17.81
C ILE B 32 -15.99 -12.46 -16.81
N ALA B 33 -14.96 -13.17 -17.26
CA ALA B 33 -14.22 -14.07 -16.40
C ALA B 33 -13.70 -13.34 -15.17
N LEU B 34 -13.18 -12.12 -15.35
CA LEU B 34 -12.71 -11.32 -14.24
C LEU B 34 -13.79 -11.16 -13.19
N PHE B 35 -14.99 -10.78 -13.60
CA PHE B 35 -16.07 -10.61 -12.63
C PHE B 35 -16.56 -11.93 -12.04
N ASP B 36 -16.40 -13.01 -12.79
CA ASP B 36 -16.76 -14.32 -12.28
C ASP B 36 -15.75 -14.86 -11.24
N VAL B 37 -14.60 -14.20 -11.10
CA VAL B 37 -13.73 -14.50 -9.99
C VAL B 37 -14.38 -14.03 -8.68
N VAL B 39 -17.89 -12.96 -8.18
CA VAL B 39 -19.27 -13.37 -7.95
C VAL B 39 -19.66 -14.42 -8.98
N ASN B 40 -20.85 -14.98 -8.81
CA ASN B 40 -21.42 -15.78 -9.86
C ASN B 40 -21.99 -14.84 -10.91
N VAL B 41 -21.27 -14.59 -12.02
CA VAL B 41 -21.71 -13.59 -12.99
C VAL B 41 -23.07 -13.91 -13.55
N ASN B 42 -23.45 -15.19 -13.58
CA ASN B 42 -24.75 -15.55 -14.13
C ASN B 42 -25.91 -14.91 -13.36
N LYS B 43 -25.65 -14.48 -12.12
CA LYS B 43 -26.66 -13.89 -11.27
C LYS B 43 -26.71 -12.38 -11.41
N VAL B 44 -25.78 -11.79 -12.17
CA VAL B 44 -25.73 -10.35 -12.33
C VAL B 44 -26.66 -9.89 -13.45
N GLU B 45 -27.60 -9.01 -13.10
CA GLU B 45 -28.53 -8.44 -14.06
C GLU B 45 -27.99 -7.15 -14.64
N LYS B 46 -28.40 -6.87 -15.87
CA LYS B 46 -27.90 -5.72 -16.60
C LYS B 46 -28.83 -4.53 -16.41
N LYS B 47 -28.73 -3.91 -15.24
CA LYS B 47 -29.60 -2.80 -14.89
C LYS B 47 -29.01 -1.43 -15.16
N GLU B 48 -27.69 -1.37 -15.27
CA GLU B 48 -26.97 -0.12 -15.45
C GLU B 48 -25.83 -0.31 -16.42
N VAL B 49 -25.40 0.80 -17.01
CA VAL B 49 -24.28 0.79 -17.93
C VAL B 49 -23.25 1.84 -17.52
N ARG B 50 -21.98 1.49 -17.70
CA ARG B 50 -20.88 2.44 -17.58
C ARG B 50 -20.02 2.36 -18.81
N GLU B 51 -19.54 3.51 -19.27
CA GLU B 51 -18.65 3.55 -20.41
C GLU B 51 -17.21 3.76 -19.98
N ILE B 52 -16.32 3.13 -20.73
CA ILE B 52 -14.90 3.21 -20.52
C ILE B 52 -14.25 3.66 -21.83
N GLU B 53 -13.23 4.49 -21.69
CA GLU B 53 -12.36 4.82 -22.81
C GLU B 53 -10.93 4.84 -22.29
N VAL B 54 -10.05 4.13 -22.97
CA VAL B 54 -8.64 4.16 -22.63
C VAL B 54 -7.81 3.96 -23.89
N GLU B 55 -6.63 4.57 -23.92
CA GLU B 55 -5.69 4.37 -25.02
C GLU B 55 -4.40 3.74 -24.52
N ALA B 56 -3.71 3.03 -25.41
CA ALA B 56 -2.43 2.43 -25.07
C ALA B 56 -1.63 2.17 -26.33
N GLU B 57 -0.35 1.89 -26.15
CA GLU B 57 0.58 1.72 -27.25
C GLU B 57 0.52 0.33 -27.85
N ASP B 58 0.01 -0.64 -27.10
CA ASP B 58 -0.03 -2.02 -27.56
C ASP B 58 -1.23 -2.72 -26.94
N LEU B 59 -1.61 -3.88 -27.49
CA LEU B 59 -2.85 -4.55 -27.08
C LEU B 59 -2.78 -5.07 -25.66
N GLU B 60 -1.60 -5.51 -25.22
CA GLU B 60 -1.46 -5.99 -23.86
C GLU B 60 -1.70 -4.86 -22.86
N ALA B 61 -1.10 -3.70 -23.09
CA ALA B 61 -1.35 -2.54 -22.22
C ALA B 61 -2.80 -2.10 -22.29
N LEU B 62 -3.40 -2.24 -23.46
CA LEU B 62 -4.80 -1.86 -23.64
C LEU B 62 -5.70 -2.76 -22.78
N LEU B 63 -5.45 -4.06 -22.83
CA LEU B 63 -6.24 -5.00 -22.01
C LEU B 63 -6.04 -4.73 -20.52
N TYR B 64 -4.78 -4.57 -20.15
CA TYR B 64 -4.43 -4.30 -18.77
C TYR B 64 -5.17 -3.06 -18.27
N SER B 65 -5.11 -1.98 -19.03
CA SER B 65 -5.73 -0.72 -18.67
C SER B 65 -7.25 -0.82 -18.57
N PHE B 66 -7.87 -1.50 -19.52
CA PHE B 66 -9.29 -1.72 -19.55
C PHE B 66 -9.71 -2.44 -18.29
N LEU B 67 -9.07 -3.58 -18.00
CA LEU B 67 -9.46 -4.34 -16.83
C LEU B 67 -9.20 -3.56 -15.54
N GLU B 68 -8.10 -2.81 -15.49
CA GLU B 68 -7.81 -2.01 -14.32
C GLU B 68 -8.94 -1.01 -14.07
N GLU B 69 -9.43 -0.37 -15.12
CA GLU B 69 -10.52 0.59 -14.96
C GLU B 69 -11.83 -0.10 -14.54
N LEU B 70 -12.10 -1.29 -15.05
CA LEU B 70 -13.26 -2.03 -14.56
C LEU B 70 -13.14 -2.33 -13.06
N LEU B 71 -11.95 -2.70 -12.62
CA LEU B 71 -11.75 -3.03 -11.21
C LEU B 71 -11.94 -1.76 -10.36
N VAL B 72 -11.47 -0.62 -10.87
CA VAL B 72 -11.67 0.63 -10.18
C VAL B 72 -13.16 0.98 -10.03
N ILE B 73 -13.93 0.83 -11.09
CA ILE B 73 -15.36 1.11 -11.01
C ILE B 73 -15.98 0.19 -9.96
N HIS B 74 -15.60 -1.07 -9.97
CA HIS B 74 -16.10 -2.01 -8.99
C HIS B 74 -15.78 -1.59 -7.55
N ASP B 75 -14.53 -1.16 -7.35
CA ASP B 75 -14.04 -0.81 -6.04
C ASP B 75 -14.65 0.49 -5.51
N ILE B 76 -14.94 1.44 -6.40
CA ILE B 76 -15.53 2.71 -6.00
C ILE B 76 -17.03 2.63 -5.85
N GLU B 77 -17.72 2.14 -6.88
CA GLU B 77 -19.17 2.18 -6.92
C GLU B 77 -19.84 0.90 -6.47
N GLY B 78 -19.07 -0.16 -6.29
CA GLY B 78 -19.62 -1.44 -5.91
C GLY B 78 -20.44 -2.13 -6.99
N LEU B 79 -20.21 -1.76 -8.25
CA LEU B 79 -20.84 -2.46 -9.37
C LEU B 79 -20.15 -3.76 -9.69
N VAL B 80 -20.97 -4.72 -10.11
CA VAL B 80 -20.47 -5.93 -10.74
C VAL B 80 -21.11 -6.01 -12.13
N PHE B 81 -20.38 -6.58 -13.07
CA PHE B 81 -20.80 -6.58 -14.46
C PHE B 81 -20.99 -7.98 -15.04
N ARG B 82 -22.00 -8.11 -15.89
CA ARG B 82 -22.39 -9.36 -16.53
C ARG B 82 -21.83 -9.48 -17.94
N ASP B 83 -21.74 -8.37 -18.67
CA ASP B 83 -21.32 -8.44 -20.07
C ASP B 83 -20.82 -7.07 -20.50
N PHE B 84 -20.20 -7.04 -21.66
CA PHE B 84 -19.45 -5.89 -22.16
C PHE B 84 -19.58 -5.83 -23.66
N GLU B 85 -19.53 -4.61 -24.19
CA GLU B 85 -19.36 -4.37 -25.62
C GLU B 85 -18.08 -3.54 -25.75
N VAL B 86 -17.08 -4.12 -26.37
CA VAL B 86 -15.76 -3.52 -26.51
C VAL B 86 -15.50 -3.18 -27.99
N LYS B 87 -14.93 -2.02 -28.21
CA LYS B 87 -14.51 -1.60 -29.54
C LYS B 87 -13.06 -1.17 -29.48
N ILE B 88 -12.25 -1.72 -30.39
CA ILE B 88 -10.84 -1.40 -30.44
C ILE B 88 -10.50 -0.85 -31.83
N GLU B 89 -9.85 0.30 -31.85
CA GLU B 89 -9.45 0.91 -33.10
C GLU B 89 -8.03 1.45 -33.03
N ARG B 90 -7.44 1.69 -34.19
CA ARG B 90 -6.18 2.38 -34.29
C ARG B 90 -6.45 3.85 -34.52
N VAL B 91 -5.87 4.69 -33.68
CA VAL B 91 -6.01 6.13 -33.86
C VAL B 91 -4.69 6.80 -33.45
N ASN B 92 -4.20 7.68 -34.30
CA ASN B 92 -3.01 8.47 -33.98
C ASN B 92 -1.82 7.63 -33.50
N GLY B 93 -1.52 6.54 -34.21
CA GLY B 93 -0.34 5.75 -33.90
C GLY B 93 -0.44 4.74 -32.76
N LYS B 94 -1.62 4.60 -32.18
CA LYS B 94 -1.78 3.67 -31.05
C LYS B 94 -3.19 3.10 -31.05
N TYR B 95 -3.61 2.53 -29.91
CA TYR B 95 -4.89 1.87 -29.83
C TYR B 95 -5.82 2.63 -28.93
N ARG B 96 -7.10 2.68 -29.30
CA ARG B 96 -8.12 3.23 -28.44
C ARG B 96 -9.17 2.16 -28.22
N LEU B 97 -9.49 1.94 -26.95
CA LEU B 97 -10.57 1.06 -26.55
C LEU B 97 -11.72 1.87 -26.00
N ARG B 98 -12.92 1.56 -26.43
CA ARG B 98 -14.12 2.05 -25.78
C ARG B 98 -14.94 0.83 -25.40
N ALA B 99 -15.57 0.88 -24.24
CA ALA B 99 -16.40 -0.22 -23.83
C ALA B 99 -17.67 0.30 -23.16
N LYS B 100 -18.72 -0.49 -23.25
CA LYS B 100 -19.93 -0.36 -22.44
C LYS B 100 -19.97 -1.61 -21.56
N ALA B 101 -20.10 -1.39 -20.26
CA ALA B 101 -20.13 -2.44 -19.27
C ALA B 101 -21.50 -2.45 -18.61
N TYR B 102 -22.16 -3.62 -18.59
CA TYR B 102 -23.55 -3.75 -18.15
C TYR B 102 -23.61 -4.57 -16.90
N GLY B 103 -24.27 -4.03 -15.88
CA GLY B 103 -24.34 -4.71 -14.60
C GLY B 103 -25.24 -4.03 -13.61
N GLU B 104 -24.94 -4.22 -12.33
CA GLU B 104 -25.74 -3.67 -11.25
C GLU B 104 -24.93 -3.61 -9.96
N LYS B 105 -25.49 -2.93 -8.97
CA LYS B 105 -24.89 -2.86 -7.65
C LYS B 105 -24.78 -4.26 -7.03
N LEU B 106 -23.62 -4.52 -6.44
CA LEU B 106 -23.40 -5.76 -5.70
C LEU B 106 -24.50 -5.97 -4.66
N ASP B 107 -25.03 -7.18 -4.62
CA ASP B 107 -26.08 -7.61 -3.70
C ASP B 107 -25.56 -8.96 -3.23
N LEU B 108 -25.07 -9.04 -2.01
CA LEU B 108 -24.31 -10.22 -1.58
C LEU B 108 -25.11 -11.51 -1.70
N LYS B 109 -26.33 -11.49 -1.18
CA LYS B 109 -27.14 -12.70 -1.20
C LYS B 109 -27.45 -13.13 -2.64
N LYS B 110 -27.73 -12.15 -3.48
CA LYS B 110 -28.09 -12.43 -4.87
C LYS B 110 -26.90 -12.96 -5.68
N HIS B 111 -25.73 -12.34 -5.49
CA HIS B 111 -24.63 -12.55 -6.43
C HIS B 111 -23.65 -13.67 -6.08
N GLU B 112 -23.71 -14.15 -4.84
CA GLU B 112 -22.95 -15.34 -4.42
C GLU B 112 -21.43 -15.06 -4.53
N PRO B 113 -20.93 -14.23 -3.61
CA PRO B 113 -19.53 -13.82 -3.63
C PRO B 113 -18.56 -14.98 -3.54
N LYS B 114 -17.44 -14.79 -4.21
CA LYS B 114 -16.35 -15.74 -4.21
C LYS B 114 -15.13 -15.06 -3.57
N GLU B 115 -14.26 -14.45 -4.36
CA GLU B 115 -13.10 -13.74 -3.82
C GLU B 115 -12.88 -12.46 -4.60
N GLU B 116 -12.51 -11.40 -3.89
CA GLU B 116 -12.23 -10.13 -4.53
C GLU B 116 -10.90 -10.15 -5.24
N VAL B 117 -10.86 -9.48 -6.37
CA VAL B 117 -9.61 -9.26 -7.08
C VAL B 117 -8.90 -8.04 -6.51
N LYS B 118 -7.63 -8.19 -6.18
CA LYS B 118 -6.88 -7.09 -5.60
C LYS B 118 -6.25 -6.22 -6.67
N ALA B 119 -5.77 -6.83 -7.74
CA ALA B 119 -5.10 -6.09 -8.80
C ALA B 119 -5.02 -6.88 -10.09
N ILE B 120 -5.13 -6.16 -11.19
CA ILE B 120 -4.79 -6.67 -12.50
C ILE B 120 -3.26 -6.75 -12.54
N THR B 121 -2.74 -7.78 -13.19
CA THR B 121 -1.29 -7.92 -13.40
C THR B 121 -1.04 -8.36 -14.83
N TYR B 122 0.23 -8.39 -15.20
CA TYR B 122 0.65 -8.92 -16.49
C TYR B 122 1.04 -10.40 -16.44
N HIS B 123 0.88 -11.02 -15.28
CA HIS B 123 1.26 -12.42 -15.16
C HIS B 123 0.49 -13.29 -16.12
N ASP B 124 1.23 -14.08 -16.89
CA ASP B 124 0.66 -15.02 -17.83
C ASP B 124 -0.15 -14.35 -18.92
N LYS B 126 -1.47 -13.08 -22.31
CA LYS B 126 -1.32 -13.44 -23.70
C LYS B 126 -2.59 -13.09 -24.45
N ILE B 127 -2.41 -12.44 -25.59
CA ILE B 127 -3.49 -12.15 -26.51
C ILE B 127 -3.04 -12.71 -27.83
N GLU B 128 -3.86 -13.56 -28.44
CA GLU B 128 -3.44 -14.16 -29.69
C GLU B 128 -4.59 -14.65 -30.53
N ARG B 129 -4.37 -14.63 -31.84
CA ARG B 129 -5.31 -15.26 -32.74
C ARG B 129 -4.86 -16.68 -32.92
N LEU B 130 -5.74 -17.61 -32.60
CA LEU B 130 -5.42 -19.03 -32.67
C LEU B 130 -5.37 -19.50 -34.12
N PRO B 131 -4.74 -20.66 -34.35
CA PRO B 131 -4.71 -21.23 -35.70
C PRO B 131 -6.10 -21.36 -36.31
N ASN B 132 -7.12 -21.64 -35.49
CA ASN B 132 -8.48 -21.84 -35.99
C ASN B 132 -9.22 -20.54 -36.27
N GLY B 133 -8.54 -19.42 -36.02
CA GLY B 133 -9.04 -18.12 -36.41
C GLY B 133 -9.72 -17.40 -35.26
N LYS B 134 -10.04 -18.13 -34.20
CA LYS B 134 -10.63 -17.54 -33.00
C LYS B 134 -9.56 -16.79 -32.21
N TRP B 135 -10.00 -15.93 -31.32
CA TRP B 135 -9.10 -15.11 -30.52
C TRP B 135 -9.15 -15.52 -29.07
N ALA B 137 -7.69 -14.21 -25.04
CA ALA B 137 -7.01 -13.29 -24.14
C ALA B 137 -6.99 -13.91 -22.76
N GLN B 138 -5.85 -13.86 -22.08
CA GLN B 138 -5.74 -14.45 -20.75
C GLN B 138 -4.77 -13.61 -19.91
N LEU B 139 -4.92 -13.72 -18.60
CA LEU B 139 -3.96 -13.18 -17.63
C LEU B 139 -4.28 -13.77 -16.26
N VAL B 140 -3.41 -13.51 -15.30
CA VAL B 140 -3.62 -13.97 -13.94
C VAL B 140 -3.59 -12.78 -12.97
N PRO B 141 -4.77 -12.29 -12.57
CA PRO B 141 -4.79 -11.21 -11.57
C PRO B 141 -4.31 -11.67 -10.21
N ASP B 142 -4.05 -10.70 -9.34
CA ASP B 142 -3.73 -10.96 -7.94
C ASP B 142 -5.00 -10.95 -7.11
N ILE B 143 -5.14 -11.98 -6.28
CA ILE B 143 -6.23 -12.12 -5.35
C ILE B 143 -5.62 -12.17 -3.95
N LEU C 2 18.07 17.52 31.52
CA LEU C 2 17.30 16.33 31.21
C LEU C 2 16.74 16.43 29.80
N LYS C 3 16.71 15.31 29.09
CA LYS C 3 16.27 15.34 27.71
C LYS C 3 14.79 15.68 27.66
N LYS C 4 14.40 16.33 26.57
CA LYS C 4 13.04 16.82 26.48
C LYS C 4 12.58 16.75 25.05
N TRP C 5 11.27 16.83 24.90
CA TRP C 5 10.66 16.64 23.58
CA TRP C 5 10.65 16.61 23.60
C TRP C 5 9.39 17.45 23.43
N GLU C 6 8.96 17.59 22.19
CA GLU C 6 7.77 18.34 21.89
C GLU C 6 7.19 17.96 20.54
N HIS C 7 5.92 18.32 20.38
CA HIS C 7 5.24 18.28 19.10
C HIS C 7 5.30 19.67 18.51
N TYR C 8 5.25 19.78 17.19
CA TYR C 8 5.20 21.09 16.55
C TYR C 8 4.34 21.08 15.29
N GLU C 9 3.82 22.24 14.96
CA GLU C 9 2.92 22.42 13.82
C GLU C 9 3.71 22.42 12.53
N HIS C 10 3.20 21.71 11.55
CA HIS C 10 3.83 21.64 10.24
C HIS C 10 2.76 21.37 9.19
N THR C 11 3.03 21.75 7.95
CA THR C 11 2.12 21.40 6.85
C THR C 11 1.94 19.89 6.79
N ALA C 12 0.72 19.51 6.43
CA ALA C 12 0.33 18.12 6.30
C ALA C 12 -0.54 18.03 5.06
N ASP C 13 -0.02 17.38 4.02
CA ASP C 13 -0.68 17.37 2.72
C ASP C 13 -0.95 18.80 2.25
N ILE C 14 -2.08 19.02 1.57
CA ILE C 14 -2.41 20.32 1.00
C ILE C 14 -3.93 20.35 0.81
N GLY C 15 -4.51 21.53 0.96
CA GLY C 15 -5.92 21.71 0.72
C GLY C 15 -6.21 22.17 -0.70
N ILE C 16 -7.31 21.67 -1.25
CA ILE C 16 -7.83 22.16 -2.52
C ILE C 16 -9.26 22.61 -2.33
N ARG C 17 -9.65 23.67 -3.03
CA ARG C 17 -10.97 24.27 -2.87
C ARG C 17 -11.44 24.88 -4.18
N GLY C 18 -12.72 24.70 -4.45
CA GLY C 18 -13.37 25.33 -5.58
C GLY C 18 -14.63 26.04 -5.16
N TYR C 19 -14.93 27.13 -5.85
CA TYR C 19 -16.16 27.87 -5.69
C TYR C 19 -16.88 28.01 -7.01
N GLY C 20 -18.22 28.00 -6.99
CA GLY C 20 -18.99 28.18 -8.20
C GLY C 20 -20.40 28.64 -7.91
N ASP C 21 -21.09 29.12 -8.95
CA ASP C 21 -22.48 29.57 -8.82
C ASP C 21 -23.43 28.39 -8.69
N SER C 22 -22.95 27.22 -9.06
CA SER C 22 -23.71 25.98 -8.95
C SER C 22 -22.82 24.90 -8.35
N LEU C 23 -23.45 23.84 -7.84
CA LEU C 23 -22.72 22.67 -7.35
C LEU C 23 -21.79 22.13 -8.44
N GLU C 24 -22.32 22.06 -9.65
N GLU C 24 -22.29 22.03 -9.67
CA GLU C 24 -21.58 21.54 -10.80
CA GLU C 24 -21.51 21.50 -10.78
C GLU C 24 -20.29 22.32 -11.02
C GLU C 24 -20.24 22.32 -10.99
N GLU C 25 -20.39 23.64 -10.96
CA GLU C 25 -19.22 24.50 -11.17
C GLU C 25 -18.23 24.40 -10.02
N ALA C 26 -18.71 24.24 -8.80
CA ALA C 26 -17.80 24.02 -7.68
C ALA C 26 -17.01 22.72 -7.84
N PHE C 27 -17.68 21.65 -8.31
CA PHE C 27 -17.01 20.39 -8.60
C PHE C 27 -15.95 20.58 -9.68
N GLU C 28 -16.30 21.27 -10.76
CA GLU C 28 -15.34 21.55 -11.83
C GLU C 28 -14.13 22.28 -11.29
N ALA C 29 -14.39 23.31 -10.48
CA ALA C 29 -13.31 24.13 -9.94
C ALA C 29 -12.36 23.35 -9.02
N VAL C 30 -12.90 22.50 -8.14
CA VAL C 30 -12.04 21.79 -7.20
C VAL C 30 -11.24 20.74 -7.95
N ALA C 31 -11.79 20.24 -9.05
CA ALA C 31 -11.02 19.31 -9.90
C ALA C 31 -9.85 20.01 -10.60
N ILE C 32 -10.04 21.26 -10.98
CA ILE C 32 -8.93 22.03 -11.54
C ILE C 32 -7.88 22.21 -10.46
N ALA C 33 -8.31 22.57 -9.27
CA ALA C 33 -7.38 22.72 -8.13
C ALA C 33 -6.59 21.42 -7.90
N LEU C 34 -7.25 20.27 -8.01
CA LEU C 34 -6.61 18.98 -7.86
C LEU C 34 -5.46 18.84 -8.85
N PHE C 35 -5.70 19.11 -10.12
CA PHE C 35 -4.64 18.97 -11.09
C PHE C 35 -3.55 20.02 -10.92
N ASP C 36 -3.90 21.18 -10.38
CA ASP C 36 -2.88 22.18 -10.07
C ASP C 36 -1.97 21.79 -8.90
N VAL C 37 -2.31 20.75 -8.14
CA VAL C 37 -1.38 20.17 -7.17
C VAL C 37 -0.22 19.50 -7.89
N VAL C 39 0.66 19.71 -11.43
CA VAL C 39 1.28 20.43 -12.52
C VAL C 39 0.86 21.89 -12.44
N ASN C 40 1.46 22.74 -13.25
CA ASN C 40 0.93 24.08 -13.46
C ASN C 40 -0.26 23.93 -14.39
N VAL C 41 -1.47 23.96 -13.82
CA VAL C 41 -2.65 23.59 -14.58
C VAL C 41 -2.89 24.56 -15.75
N ASN C 42 -2.40 25.78 -15.62
CA ASN C 42 -2.58 26.78 -16.67
C ASN C 42 -1.86 26.42 -17.95
N LYS C 43 -0.88 25.50 -17.85
CA LYS C 43 -0.14 25.06 -19.01
C LYS C 43 -0.66 23.77 -19.65
N VAL C 44 -1.78 23.27 -19.17
CA VAL C 44 -2.39 22.09 -19.72
C VAL C 44 -3.35 22.49 -20.84
N GLU C 45 -3.06 22.02 -22.05
CA GLU C 45 -3.91 22.28 -23.21
C GLU C 45 -5.02 21.25 -23.30
N LYS C 46 -6.13 21.63 -23.92
CA LYS C 46 -7.32 20.78 -24.01
C LYS C 46 -7.31 20.05 -25.35
N LYS C 47 -6.55 18.95 -25.42
CA LYS C 47 -6.35 18.20 -26.66
C LYS C 47 -7.11 16.90 -26.73
N GLU C 48 -7.43 16.35 -25.57
CA GLU C 48 -8.07 15.03 -25.44
C GLU C 48 -9.19 15.16 -24.43
N VAL C 49 -10.21 14.32 -24.57
CA VAL C 49 -11.33 14.32 -23.65
C VAL C 49 -11.56 12.91 -23.10
N ARG C 50 -11.88 12.82 -21.82
CA ARG C 50 -12.39 11.60 -21.22
C ARG C 50 -13.69 11.89 -20.50
N GLU C 51 -14.62 10.95 -20.55
CA GLU C 51 -15.89 11.08 -19.87
C GLU C 51 -15.93 10.22 -18.63
N ILE C 52 -16.57 10.73 -17.59
CA ILE C 52 -16.77 10.02 -16.34
C ILE C 52 -18.27 9.94 -16.05
N GLU C 53 -18.70 8.79 -15.52
CA GLU C 53 -20.02 8.68 -14.92
C GLU C 53 -19.86 7.90 -13.63
N VAL C 54 -20.38 8.47 -12.55
CA VAL C 54 -20.42 7.82 -11.25
C VAL C 54 -21.72 8.16 -10.55
N GLU C 55 -22.19 7.24 -9.70
CA GLU C 55 -23.35 7.49 -8.86
C GLU C 55 -22.95 7.34 -7.41
N ALA C 56 -23.70 8.00 -6.53
CA ALA C 56 -23.45 7.90 -5.09
C ALA C 56 -24.70 8.29 -4.33
N GLU C 57 -24.73 7.94 -3.04
CA GLU C 57 -25.90 8.21 -2.22
C GLU C 57 -25.89 9.62 -1.61
N ASP C 58 -24.74 10.26 -1.62
CA ASP C 58 -24.63 11.61 -1.07
C ASP C 58 -23.55 12.33 -1.81
N LEU C 59 -23.50 13.64 -1.60
CA LEU C 59 -22.61 14.49 -2.40
C LEU C 59 -21.14 14.32 -2.08
N GLU C 60 -20.81 13.98 -0.85
CA GLU C 60 -19.41 13.79 -0.50
C GLU C 60 -18.88 12.54 -1.20
N ALA C 61 -19.64 11.44 -1.15
CA ALA C 61 -19.21 10.24 -1.87
C ALA C 61 -19.16 10.51 -3.37
N LEU C 62 -20.05 11.36 -3.86
CA LEU C 62 -20.05 11.69 -5.28
C LEU C 62 -18.78 12.46 -5.65
N LEU C 63 -18.43 13.44 -4.84
CA LEU C 63 -17.18 14.18 -5.11
C LEU C 63 -15.95 13.27 -5.00
N TYR C 64 -15.89 12.46 -3.94
CA TYR C 64 -14.79 11.52 -3.79
C TYR C 64 -14.69 10.66 -5.05
N SER C 65 -15.82 10.11 -5.48
CA SER C 65 -15.81 9.16 -6.59
C SER C 65 -15.34 9.81 -7.89
N PHE C 66 -15.84 11.03 -8.15
CA PHE C 66 -15.43 11.79 -9.32
C PHE C 66 -13.94 12.07 -9.32
N LEU C 67 -13.43 12.61 -8.22
CA LEU C 67 -12.02 12.98 -8.16
C LEU C 67 -11.11 11.75 -8.20
N GLU C 68 -11.54 10.68 -7.54
CA GLU C 68 -10.72 9.47 -7.53
C GLU C 68 -10.64 8.86 -8.94
N GLU C 69 -11.75 8.89 -9.68
CA GLU C 69 -11.68 8.40 -11.06
C GLU C 69 -10.78 9.27 -11.93
N LEU C 70 -10.77 10.57 -11.71
CA LEU C 70 -9.83 11.43 -12.44
C LEU C 70 -8.39 11.07 -12.12
N LEU C 71 -8.13 10.78 -10.84
CA LEU C 71 -6.78 10.41 -10.42
C LEU C 71 -6.37 9.08 -11.06
N VAL C 72 -7.32 8.16 -11.16
CA VAL C 72 -7.06 6.87 -11.80
C VAL C 72 -6.71 7.06 -13.29
N ILE C 73 -7.48 7.88 -13.99
CA ILE C 73 -7.18 8.14 -15.39
C ILE C 73 -5.77 8.72 -15.52
N HIS C 74 -5.46 9.66 -14.64
CA HIS C 74 -4.13 10.22 -14.62
C HIS C 74 -3.05 9.15 -14.40
N ASP C 75 -3.29 8.27 -13.45
CA ASP C 75 -2.31 7.26 -13.10
C ASP C 75 -2.11 6.21 -14.22
N ILE C 76 -3.20 5.86 -14.89
CA ILE C 76 -3.13 4.82 -15.91
C ILE C 76 -2.61 5.38 -17.25
N GLU C 77 -3.19 6.50 -17.67
CA GLU C 77 -2.90 7.05 -18.99
C GLU C 77 -1.91 8.19 -18.99
N GLY C 78 -1.58 8.72 -17.82
CA GLY C 78 -0.65 9.82 -17.76
C GLY C 78 -1.23 11.11 -18.30
N LEU C 79 -2.55 11.23 -18.28
CA LEU C 79 -3.23 12.47 -18.66
C LEU C 79 -3.28 13.45 -17.49
N VAL C 80 -3.18 14.73 -17.82
CA VAL C 80 -3.47 15.80 -16.87
C VAL C 80 -4.59 16.65 -17.49
N PHE C 81 -5.42 17.24 -16.64
CA PHE C 81 -6.62 17.93 -17.11
C PHE C 81 -6.65 19.39 -16.71
N ARG C 82 -7.17 20.20 -17.62
CA ARG C 82 -7.28 21.66 -17.47
C ARG C 82 -8.66 22.13 -17.01
N ASP C 83 -9.73 21.49 -17.49
CA ASP C 83 -11.08 21.95 -17.22
C ASP C 83 -12.05 20.80 -17.41
N PHE C 84 -13.26 21.01 -16.95
CA PHE C 84 -14.29 19.99 -16.83
C PHE C 84 -15.64 20.58 -17.06
N GLU C 85 -16.52 19.74 -17.59
CA GLU C 85 -17.95 20.02 -17.65
C GLU C 85 -18.63 18.94 -16.83
N VAL C 86 -19.29 19.34 -15.75
CA VAL C 86 -19.95 18.42 -14.84
C VAL C 86 -21.47 18.61 -14.86
N LYS C 87 -22.21 17.51 -14.89
CA LYS C 87 -23.66 17.52 -14.74
C LYS C 87 -24.02 16.58 -13.60
N ILE C 88 -24.83 17.07 -12.67
CA ILE C 88 -25.24 16.27 -11.53
C ILE C 88 -26.75 16.26 -11.48
N GLU C 89 -27.32 15.07 -11.33
CA GLU C 89 -28.78 14.91 -11.31
C GLU C 89 -29.18 13.88 -10.26
N ARG C 90 -30.44 13.92 -9.85
CA ARG C 90 -31.00 12.89 -8.99
C ARG C 90 -31.70 11.84 -9.85
N VAL C 91 -31.33 10.58 -9.66
CA VAL C 91 -31.81 9.48 -10.51
C VAL C 91 -32.02 8.24 -9.68
N ASN C 92 -33.26 7.78 -9.58
CA ASN C 92 -33.57 6.53 -8.88
C ASN C 92 -32.99 6.47 -7.47
N GLY C 93 -33.22 7.53 -6.69
CA GLY C 93 -32.77 7.57 -5.31
C GLY C 93 -31.28 7.78 -5.12
N LYS C 94 -30.57 8.11 -6.19
CA LYS C 94 -29.13 8.31 -6.13
C LYS C 94 -28.79 9.65 -6.78
N TYR C 95 -27.58 10.15 -6.51
CA TYR C 95 -27.03 11.21 -7.33
C TYR C 95 -26.25 10.57 -8.46
N ARG C 96 -26.36 11.14 -9.65
CA ARG C 96 -25.58 10.70 -10.80
C ARG C 96 -24.78 11.87 -11.30
N LEU C 97 -23.47 11.68 -11.42
CA LEU C 97 -22.57 12.65 -12.02
C LEU C 97 -22.08 12.15 -13.37
N ARG C 98 -22.11 13.05 -14.35
CA ARG C 98 -21.46 12.82 -15.62
C ARG C 98 -20.52 13.98 -15.84
N ALA C 99 -19.34 13.70 -16.36
CA ALA C 99 -18.38 14.78 -16.61
C ALA C 99 -17.60 14.52 -17.88
N LYS C 100 -17.18 15.61 -18.49
CA LYS C 100 -16.16 15.59 -19.52
C LYS C 100 -14.95 16.31 -18.97
N ALA C 101 -13.79 15.65 -19.11
CA ALA C 101 -12.51 16.16 -18.62
C ALA C 101 -11.61 16.40 -19.82
N TYR C 102 -11.08 17.61 -19.92
CA TYR C 102 -10.32 18.07 -21.09
C TYR C 102 -8.87 18.29 -20.71
N GLY C 103 -7.96 17.68 -21.44
CA GLY C 103 -6.56 17.79 -21.10
C GLY C 103 -5.66 17.17 -22.12
N GLU C 104 -4.48 16.74 -21.68
CA GLU C 104 -3.49 16.17 -22.59
C GLU C 104 -2.51 15.31 -21.82
N LYS C 105 -1.63 14.63 -22.54
CA LYS C 105 -0.60 13.83 -21.92
C LYS C 105 0.35 14.71 -21.14
N LEU C 106 0.75 14.23 -19.98
CA LEU C 106 1.82 14.88 -19.22
C LEU C 106 3.05 15.08 -20.09
N ASP C 107 3.60 16.29 -20.00
CA ASP C 107 4.77 16.70 -20.75
C ASP C 107 5.69 17.30 -19.71
N LEU C 108 6.72 16.55 -19.32
CA LEU C 108 7.57 16.96 -18.21
C LEU C 108 8.29 18.28 -18.44
N LYS C 109 8.61 18.59 -19.70
CA LYS C 109 9.30 19.83 -20.04
C LYS C 109 8.39 21.04 -19.98
N LYS C 110 7.08 20.83 -20.10
CA LYS C 110 6.13 21.91 -20.30
C LYS C 110 5.22 22.16 -19.09
N HIS C 111 4.91 21.11 -18.36
CA HIS C 111 3.82 21.22 -17.37
C HIS C 111 4.29 21.58 -15.96
N GLU C 112 5.59 21.81 -15.78
CA GLU C 112 6.12 22.23 -14.48
C GLU C 112 5.65 21.32 -13.34
N PRO C 113 5.94 20.03 -13.45
CA PRO C 113 5.43 19.07 -12.47
C PRO C 113 5.82 19.44 -11.05
N LYS C 114 4.83 19.33 -10.17
CA LYS C 114 4.96 19.71 -8.78
C LYS C 114 5.06 18.45 -7.93
N GLU C 115 3.94 17.94 -7.45
CA GLU C 115 3.94 16.69 -6.71
C GLU C 115 2.71 15.86 -7.03
N GLU C 116 2.89 14.55 -7.05
CA GLU C 116 1.80 13.64 -7.37
C GLU C 116 0.85 13.50 -6.20
N VAL C 117 -0.42 13.34 -6.54
CA VAL C 117 -1.40 13.00 -5.53
C VAL C 117 -1.49 11.48 -5.38
N LYS C 118 -1.33 11.02 -4.16
CA LYS C 118 -1.36 9.61 -3.85
C LYS C 118 -2.78 9.07 -3.78
N ALA C 119 -3.69 9.87 -3.22
CA ALA C 119 -5.05 9.41 -3.05
C ALA C 119 -5.97 10.58 -2.79
N ILE C 120 -7.20 10.49 -3.26
CA ILE C 120 -8.28 11.33 -2.78
C ILE C 120 -8.71 10.79 -1.42
N THR C 121 -9.09 11.68 -0.51
CA THR C 121 -9.56 11.26 0.82
C THR C 121 -10.79 12.08 1.18
N TYR C 122 -11.40 11.73 2.30
CA TYR C 122 -12.50 12.52 2.83
C TYR C 122 -12.00 13.53 3.87
N HIS C 123 -10.67 13.63 4.02
CA HIS C 123 -10.10 14.52 5.04
C HIS C 123 -10.44 15.97 4.75
N ASP C 124 -11.06 16.62 5.74
CA ASP C 124 -11.46 18.02 5.64
C ASP C 124 -12.42 18.26 4.47
N LYS C 126 -15.61 19.15 2.56
CA LYS C 126 -16.81 19.90 2.81
C LYS C 126 -17.40 20.29 1.47
N ILE C 127 -18.71 20.15 1.38
CA ILE C 127 -19.48 20.70 0.26
CA ILE C 127 -19.48 20.70 0.26
C ILE C 127 -20.53 21.59 0.89
N GLU C 128 -20.46 22.88 0.64
CA GLU C 128 -21.32 23.83 1.34
C GLU C 128 -22.03 24.77 0.39
N ARG C 129 -23.31 25.01 0.68
CA ARG C 129 -24.06 26.09 0.08
C ARG C 129 -23.86 27.30 0.99
N LEU C 130 -23.21 28.32 0.46
CA LEU C 130 -22.91 29.52 1.22
C LEU C 130 -24.14 30.41 1.37
N PRO C 131 -24.13 31.30 2.38
CA PRO C 131 -25.29 32.18 2.62
C PRO C 131 -25.63 33.10 1.45
N ASN C 132 -24.66 33.35 0.59
CA ASN C 132 -24.91 34.16 -0.61
C ASN C 132 -25.40 33.33 -1.80
N GLY C 133 -25.60 32.03 -1.57
CA GLY C 133 -26.20 31.19 -2.58
C GLY C 133 -25.19 30.45 -3.44
N LYS C 134 -23.92 30.81 -3.32
CA LYS C 134 -22.90 30.12 -4.09
C LYS C 134 -22.48 28.85 -3.40
N TRP C 135 -21.61 28.11 -4.07
CA TRP C 135 -21.20 26.80 -3.59
C TRP C 135 -19.70 26.70 -3.42
N ALA C 137 -16.59 23.64 -2.55
CA ALA C 137 -16.17 22.25 -2.33
C ALA C 137 -14.70 22.26 -1.99
N GLN C 138 -14.31 21.48 -0.97
CA GLN C 138 -12.90 21.40 -0.56
C GLN C 138 -12.60 20.00 -0.03
N LEU C 139 -11.31 19.69 0.03
CA LEU C 139 -10.81 18.50 0.69
C LEU C 139 -9.29 18.62 0.76
N VAL C 140 -8.68 17.71 1.51
CA VAL C 140 -7.23 17.61 1.63
C VAL C 140 -6.79 16.25 1.08
N PRO C 141 -6.36 16.22 -0.19
CA PRO C 141 -5.86 14.94 -0.72
C PRO C 141 -4.56 14.54 -0.07
N ASP C 142 -4.20 13.28 -0.25
CA ASP C 142 -2.97 12.71 0.28
C ASP C 142 -1.86 12.91 -0.73
N ILE C 143 -0.86 13.71 -0.37
CA ILE C 143 0.35 13.88 -1.16
C ILE C 143 1.59 13.37 -0.44
N LEU D 2 -17.57 33.85 -12.17
CA LEU D 2 -16.78 32.79 -12.77
C LEU D 2 -16.31 31.82 -11.69
N LYS D 3 -16.38 30.54 -11.99
CA LYS D 3 -15.90 29.54 -11.03
C LYS D 3 -14.43 29.77 -10.76
N LYS D 4 -13.98 29.44 -9.55
CA LYS D 4 -12.62 29.77 -9.18
C LYS D 4 -12.10 28.73 -8.20
N TRP D 5 -10.79 28.62 -8.15
CA TRP D 5 -10.17 27.57 -7.36
CA TRP D 5 -10.16 27.56 -7.38
C TRP D 5 -8.91 28.07 -6.67
N GLU D 6 -8.48 27.32 -5.66
CA GLU D 6 -7.30 27.67 -4.90
C GLU D 6 -6.77 26.46 -4.18
N HIS D 7 -5.56 26.60 -3.69
CA HIS D 7 -5.04 25.69 -2.68
C HIS D 7 -5.07 26.41 -1.36
N TYR D 8 -5.07 25.66 -0.28
CA TYR D 8 -4.98 26.24 1.04
C TYR D 8 -4.03 25.45 1.92
N GLU D 9 -3.40 26.16 2.84
CA GLU D 9 -2.46 25.54 3.75
C GLU D 9 -3.21 24.72 4.79
N HIS D 10 -2.73 23.50 4.99
CA HIS D 10 -3.32 22.59 5.95
C HIS D 10 -2.19 22.07 6.81
N THR D 11 -2.32 22.22 8.12
CA THR D 11 -1.28 21.83 9.05
C THR D 11 -1.81 20.86 10.09
N ALA D 12 -0.87 20.30 10.84
CA ALA D 12 -1.17 19.42 11.95
C ALA D 12 0.02 19.46 12.91
N ASP D 13 -0.22 19.06 14.15
CA ASP D 13 0.84 19.01 15.15
C ASP D 13 1.57 17.67 15.04
N ILE D 14 2.20 17.50 13.89
CA ILE D 14 2.79 16.23 13.49
C ILE D 14 4.32 16.27 13.41
N GLY D 15 4.91 17.45 13.61
CA GLY D 15 6.33 17.52 13.82
C GLY D 15 6.70 16.95 15.17
N ILE D 16 7.80 16.21 15.22
CA ILE D 16 8.34 15.74 16.49
C ILE D 16 9.79 16.21 16.63
N ARG D 17 10.13 16.63 17.84
CA ARG D 17 11.45 17.19 18.12
C ARG D 17 11.94 16.76 19.50
N GLY D 18 13.20 16.33 19.57
CA GLY D 18 13.84 15.98 20.82
C GLY D 18 15.08 16.81 21.05
N TYR D 19 15.36 17.14 22.29
CA TYR D 19 16.55 17.88 22.66
C TYR D 19 17.28 17.13 23.74
N GLY D 20 18.61 17.16 23.69
CA GLY D 20 19.39 16.50 24.73
C GLY D 20 20.81 17.02 24.85
N ASP D 21 21.49 16.63 25.94
CA ASP D 21 22.85 17.05 26.17
C ASP D 21 23.82 16.32 25.25
N SER D 22 23.33 15.25 24.62
CA SER D 22 24.13 14.42 23.73
C SER D 22 23.30 14.07 22.51
N LEU D 23 23.97 13.67 21.45
CA LEU D 23 23.30 13.18 20.25
C LEU D 23 22.39 11.99 20.59
N GLU D 24 22.90 11.08 21.41
CA GLU D 24 22.15 9.91 21.83
C GLU D 24 20.84 10.32 22.51
N GLU D 25 20.92 11.29 23.42
CA GLU D 25 19.73 11.74 24.12
C GLU D 25 18.75 12.43 23.19
N ALA D 26 19.23 13.15 22.19
CA ALA D 26 18.33 13.73 21.20
C ALA D 26 17.56 12.65 20.43
N PHE D 27 18.26 11.56 20.06
CA PHE D 27 17.61 10.40 19.44
C PHE D 27 16.55 9.82 20.38
N GLU D 28 16.91 9.61 21.65
CA GLU D 28 15.98 9.07 22.63
C GLU D 28 14.74 9.93 22.76
N ALA D 29 14.97 11.23 22.88
CA ALA D 29 13.89 12.18 23.11
C ALA D 29 12.95 12.27 21.91
N VAL D 30 13.48 12.26 20.68
CA VAL D 30 12.59 12.36 19.54
C VAL D 30 11.78 11.07 19.40
N ALA D 31 12.37 9.94 19.82
CA ALA D 31 11.62 8.69 19.82
C ALA D 31 10.47 8.72 20.85
N ILE D 32 10.68 9.39 21.98
CA ILE D 32 9.58 9.55 22.94
C ILE D 32 8.47 10.40 22.30
N ALA D 33 8.87 11.48 21.63
CA ALA D 33 7.92 12.34 20.94
C ALA D 33 7.11 11.53 19.94
N LEU D 34 7.78 10.63 19.21
CA LEU D 34 7.09 9.79 18.24
C LEU D 34 5.98 9.01 18.91
N PHE D 35 6.27 8.39 20.04
CA PHE D 35 5.24 7.62 20.72
C PHE D 35 4.16 8.49 21.33
N ASP D 36 4.52 9.71 21.68
CA ASP D 36 3.54 10.64 22.21
C ASP D 36 2.58 11.18 21.13
N VAL D 37 2.89 10.94 19.87
CA VAL D 37 1.89 11.17 18.82
C VAL D 37 0.75 10.16 18.96
N VAL D 39 0.04 7.95 21.81
CA VAL D 39 -0.52 7.78 23.14
C VAL D 39 -0.04 8.90 24.03
N ASN D 40 -0.56 8.97 25.25
CA ASN D 40 0.05 9.81 26.24
C ASN D 40 1.20 9.04 26.86
N VAL D 41 2.44 9.35 26.47
CA VAL D 41 3.56 8.51 26.92
C VAL D 41 3.71 8.48 28.42
N ASN D 42 3.20 9.50 29.12
CA ASN D 42 3.31 9.52 30.56
C ASN D 42 2.54 8.39 31.25
N LYS D 43 1.59 7.81 30.53
CA LYS D 43 0.80 6.70 31.06
C LYS D 43 1.44 5.35 30.74
N VAL D 44 2.52 5.36 29.97
CA VAL D 44 3.16 4.11 29.57
C VAL D 44 4.15 3.63 30.62
N GLU D 45 3.91 2.43 31.16
CA GLU D 45 4.80 1.84 32.15
C GLU D 45 5.87 1.00 31.47
N LYS D 46 7.06 0.99 32.09
CA LYS D 46 8.21 0.30 31.55
C LYS D 46 8.25 -1.16 32.02
N LYS D 47 7.33 -1.96 31.51
CA LYS D 47 7.20 -3.34 31.93
C LYS D 47 8.07 -4.28 31.13
N GLU D 48 8.39 -3.91 29.91
CA GLU D 48 9.17 -4.75 29.02
C GLU D 48 10.24 -3.94 28.28
N VAL D 49 11.26 -4.63 27.81
CA VAL D 49 12.29 -3.99 27.00
C VAL D 49 12.42 -4.72 25.68
N ARG D 50 12.71 -3.96 24.63
CA ARG D 50 13.10 -4.51 23.34
C ARG D 50 14.42 -3.87 22.93
N GLU D 51 15.32 -4.66 22.37
CA GLU D 51 16.56 -4.15 21.84
C GLU D 51 16.47 -3.95 20.34
N ILE D 52 17.12 -2.90 19.87
CA ILE D 52 17.22 -2.57 18.46
C ILE D 52 18.69 -2.51 18.10
N GLU D 53 19.02 -2.99 16.90
CA GLU D 53 20.34 -2.76 16.31
C GLU D 53 20.14 -2.47 14.84
N VAL D 54 20.72 -1.38 14.36
CA VAL D 54 20.65 -1.06 12.96
C VAL D 54 21.88 -0.26 12.55
N GLU D 55 22.31 -0.43 11.31
CA GLU D 55 23.43 0.35 10.78
C GLU D 55 22.97 1.19 9.60
N ALA D 56 23.69 2.28 9.37
CA ALA D 56 23.39 3.18 8.25
C ALA D 56 24.63 3.99 7.88
N GLU D 57 24.60 4.61 6.72
CA GLU D 57 25.77 5.32 6.22
C GLU D 57 25.91 6.73 6.78
N ASP D 58 24.82 7.29 7.29
CA ASP D 58 24.87 8.65 7.82
C ASP D 58 23.85 8.77 8.94
N LEU D 59 23.96 9.84 9.74
CA LEU D 59 23.13 9.98 10.93
C LEU D 59 21.66 10.11 10.64
N GLU D 60 21.30 10.80 9.56
CA GLU D 60 19.89 10.96 9.22
C GLU D 60 19.28 9.60 8.86
N ALA D 61 20.00 8.81 8.06
CA ALA D 61 19.49 7.48 7.71
C ALA D 61 19.43 6.59 8.96
N LEU D 62 20.37 6.80 9.87
CA LEU D 62 20.38 6.05 11.12
C LEU D 62 19.14 6.37 11.98
N LEU D 63 18.82 7.66 12.11
CA LEU D 63 17.61 8.06 12.82
C LEU D 63 16.37 7.49 12.12
N TYR D 64 16.29 7.68 10.81
CA TYR D 64 15.17 7.19 10.02
C TYR D 64 14.96 5.69 10.27
N SER D 65 16.04 4.93 10.16
CA SER D 65 15.99 3.47 10.32
C SER D 65 15.59 3.05 11.73
N PHE D 66 16.16 3.72 12.74
CA PHE D 66 15.80 3.47 14.14
C PHE D 66 14.32 3.69 14.37
N LEU D 67 13.81 4.85 13.96
CA LEU D 67 12.39 5.14 14.19
C LEU D 67 11.49 4.18 13.39
N GLU D 68 11.90 3.83 12.17
CA GLU D 68 11.14 2.89 11.35
C GLU D 68 11.00 1.54 12.09
N GLU D 69 12.09 1.08 12.70
CA GLU D 69 12.04 -0.18 13.43
C GLU D 69 11.17 -0.08 14.67
N LEU D 70 11.23 1.03 15.38
CA LEU D 70 10.30 1.23 16.50
C LEU D 70 8.84 1.16 16.05
N LEU D 71 8.55 1.78 14.91
CA LEU D 71 7.18 1.80 14.41
C LEU D 71 6.74 0.38 14.02
N VAL D 72 7.66 -0.38 13.42
CA VAL D 72 7.41 -1.78 13.11
C VAL D 72 7.08 -2.61 14.35
N ILE D 73 7.88 -2.48 15.40
CA ILE D 73 7.61 -3.20 16.64
C ILE D 73 6.23 -2.84 17.14
N HIS D 74 5.90 -1.55 17.11
CA HIS D 74 4.60 -1.12 17.54
C HIS D 74 3.49 -1.76 16.68
N ASP D 75 3.68 -1.75 15.37
CA ASP D 75 2.66 -2.25 14.46
C ASP D 75 2.48 -3.77 14.56
N ILE D 76 3.54 -4.50 14.86
CA ILE D 76 3.47 -5.95 14.95
C ILE D 76 2.96 -6.41 16.31
N GLU D 77 3.63 -5.93 17.36
CA GLU D 77 3.40 -6.41 18.72
C GLU D 77 2.47 -5.57 19.55
N GLY D 78 2.19 -4.36 19.09
CA GLY D 78 1.32 -3.45 19.83
C GLY D 78 2.01 -2.72 20.97
N LEU D 79 3.33 -2.80 21.04
CA LEU D 79 4.03 -2.13 22.13
C LEU D 79 4.00 -0.64 21.93
N VAL D 80 3.89 0.09 23.03
CA VAL D 80 4.19 1.52 23.05
C VAL D 80 5.30 1.76 24.09
N PHE D 81 6.10 2.80 23.86
CA PHE D 81 7.30 2.99 24.66
C PHE D 81 7.33 4.33 25.38
N ARG D 82 7.87 4.29 26.58
CA ARG D 82 8.02 5.46 27.45
C ARG D 82 9.40 6.12 27.33
N ASP D 83 10.46 5.32 27.15
CA ASP D 83 11.82 5.86 27.16
C ASP D 83 12.75 4.89 26.44
N PHE D 84 13.96 5.37 26.17
CA PHE D 84 14.93 4.67 25.35
C PHE D 84 16.32 4.97 25.86
N GLU D 85 17.20 4.00 25.67
CA GLU D 85 18.63 4.22 25.82
CA GLU D 85 18.62 4.21 25.83
C GLU D 85 19.28 3.89 24.50
N VAL D 86 19.87 4.90 23.87
CA VAL D 86 20.45 4.80 22.53
C VAL D 86 21.96 4.94 22.61
N LYS D 87 22.66 4.10 21.87
CA LYS D 87 24.10 4.18 21.70
C LYS D 87 24.43 4.23 20.21
N ILE D 88 25.28 5.18 19.84
CA ILE D 88 25.68 5.36 18.47
C ILE D 88 27.20 5.32 18.39
N GLU D 89 27.71 4.52 17.45
CA GLU D 89 29.14 4.40 17.24
C GLU D 89 29.47 4.37 15.75
N ARG D 90 30.71 4.71 15.45
CA ARG D 90 31.28 4.46 14.13
C ARG D 90 31.90 3.07 14.14
N VAL D 91 31.63 2.28 13.11
CA VAL D 91 32.19 0.94 13.03
C VAL D 91 32.93 0.73 11.71
N ASN D 92 33.33 1.82 11.08
CA ASN D 92 34.16 1.75 9.89
C ASN D 92 33.41 1.03 8.76
N GLY D 93 32.96 1.78 7.76
CA GLY D 93 32.97 3.23 7.78
C GLY D 93 31.53 3.67 7.89
N LYS D 94 30.81 3.03 8.81
CA LYS D 94 29.37 3.20 8.93
C LYS D 94 29.04 3.77 10.31
N TYR D 95 27.76 3.93 10.57
CA TYR D 95 27.26 4.14 11.92
C TYR D 95 26.47 2.92 12.35
N ARG D 96 26.60 2.58 13.62
CA ARG D 96 25.78 1.54 14.23
C ARG D 96 25.04 2.11 15.41
N LEU D 97 23.73 1.84 15.44
CA LEU D 97 22.92 2.24 16.55
C LEU D 97 22.46 0.98 17.26
N ARG D 98 22.54 1.01 18.58
CA ARG D 98 21.88 0.02 19.42
C ARG D 98 20.97 0.78 20.37
N ALA D 99 19.81 0.23 20.66
CA ALA D 99 18.92 0.88 21.60
C ALA D 99 18.22 -0.15 22.45
N LYS D 100 17.84 0.29 23.65
CA LYS D 100 16.92 -0.42 24.51
C LYS D 100 15.69 0.45 24.63
N ALA D 101 14.53 -0.11 24.30
CA ALA D 101 13.25 0.57 24.32
C ALA D 101 12.37 -0.03 25.41
N TYR D 102 11.83 0.83 26.27
CA TYR D 102 11.11 0.39 27.46
C TYR D 102 9.64 0.80 27.39
N GLY D 103 8.75 -0.17 27.56
CA GLY D 103 7.33 0.11 27.48
C GLY D 103 6.47 -1.11 27.77
N GLU D 104 5.30 -1.13 27.14
CA GLU D 104 4.32 -2.18 27.42
C GLU D 104 3.29 -2.22 26.30
N LYS D 105 2.49 -3.29 26.27
CA LYS D 105 1.49 -3.42 25.22
C LYS D 105 0.42 -2.34 25.38
N LEU D 106 0.03 -1.78 24.24
CA LEU D 106 -1.03 -0.79 24.18
C LEU D 106 -2.27 -1.25 24.94
N ASP D 107 -2.84 -0.34 25.70
CA ASP D 107 -4.03 -0.60 26.51
C ASP D 107 -4.93 0.61 26.32
N LEU D 108 -6.05 0.42 25.63
CA LEU D 108 -6.89 1.51 25.18
C LEU D 108 -7.54 2.27 26.33
N LYS D 109 -7.66 1.60 27.46
CA LYS D 109 -8.31 2.19 28.63
C LYS D 109 -7.32 2.93 29.51
N LYS D 110 -6.04 2.81 29.18
CA LYS D 110 -4.96 3.29 30.02
C LYS D 110 -4.12 4.41 29.36
N HIS D 111 -3.85 4.25 28.07
CA HIS D 111 -2.79 5.04 27.43
C HIS D 111 -3.28 6.28 26.71
N GLU D 112 -4.60 6.48 26.68
CA GLU D 112 -5.17 7.68 26.08
C GLU D 112 -4.77 7.81 24.61
N PRO D 113 -5.19 6.83 23.78
CA PRO D 113 -4.78 6.82 22.37
C PRO D 113 -5.14 8.10 21.63
N LYS D 114 -4.25 8.47 20.73
CA LYS D 114 -4.39 9.68 19.93
C LYS D 114 -4.54 9.30 18.46
N GLU D 115 -3.42 9.25 17.73
CA GLU D 115 -3.40 8.97 16.31
C GLU D 115 -2.29 7.97 15.99
N GLU D 116 -2.54 7.02 15.11
CA GLU D 116 -1.46 6.13 14.68
C GLU D 116 -0.57 6.82 13.66
N VAL D 117 0.72 6.56 13.78
CA VAL D 117 1.68 7.03 12.79
C VAL D 117 1.74 6.02 11.65
N LYS D 118 1.62 6.51 10.44
CA LYS D 118 1.62 5.63 9.27
C LYS D 118 3.03 5.31 8.81
N ALA D 119 3.93 6.29 8.83
CA ALA D 119 5.26 6.08 8.30
C ALA D 119 6.24 7.12 8.81
N ILE D 120 7.48 6.71 8.98
CA ILE D 120 8.59 7.63 9.17
C ILE D 120 8.91 8.23 7.80
N THR D 121 9.31 9.51 7.78
CA THR D 121 9.72 10.17 6.55
C THR D 121 10.95 11.03 6.84
N TYR D 122 11.54 11.56 5.77
CA TYR D 122 12.62 12.51 5.86
C TYR D 122 12.11 13.94 5.94
N HIS D 123 10.79 14.15 5.91
CA HIS D 123 10.26 15.53 5.87
C HIS D 123 10.69 16.30 7.10
N ASP D 124 11.29 17.47 6.85
CA ASP D 124 11.74 18.36 7.91
C ASP D 124 12.78 17.72 8.81
N LYS D 126 16.04 16.99 10.64
CA LYS D 126 17.26 17.71 10.96
C LYS D 126 17.86 17.19 12.26
N ILE D 127 19.17 16.99 12.23
CA ILE D 127 19.92 16.63 13.42
C ILE D 127 21.03 17.64 13.52
N GLU D 128 21.14 18.30 14.67
CA GLU D 128 22.17 19.30 14.81
C GLU D 128 22.57 19.55 16.24
N ARG D 129 23.85 19.90 16.42
CA ARG D 129 24.32 20.41 17.69
C ARG D 129 24.13 21.90 17.64
N LEU D 130 23.37 22.41 18.60
CA LEU D 130 23.06 23.83 18.68
C LEU D 130 24.24 24.66 19.19
N PRO D 131 24.19 25.98 18.96
CA PRO D 131 25.27 26.83 19.45
C PRO D 131 25.50 26.68 20.95
N ASN D 132 24.46 26.38 21.72
CA ASN D 132 24.61 26.27 23.16
C ASN D 132 25.14 24.92 23.59
N GLY D 133 25.45 24.06 22.62
CA GLY D 133 26.11 22.80 22.87
C GLY D 133 25.15 21.63 23.03
N LYS D 134 23.86 21.92 23.10
CA LYS D 134 22.85 20.87 23.18
C LYS D 134 22.59 20.33 21.78
N TRP D 135 21.89 19.22 21.72
CA TRP D 135 21.57 18.58 20.46
C TRP D 135 20.08 18.54 20.21
N ALA D 137 17.09 16.78 17.42
CA ALA D 137 16.66 15.96 16.30
C ALA D 137 15.17 16.17 16.08
N GLN D 138 14.77 16.31 14.81
CA GLN D 138 13.36 16.53 14.47
C GLN D 138 13.05 15.88 13.15
N LEU D 139 11.76 15.64 12.91
CA LEU D 139 11.21 15.19 11.63
C LEU D 139 9.71 15.28 11.68
N VAL D 140 9.07 15.04 10.54
CA VAL D 140 7.62 15.05 10.43
C VAL D 140 7.16 13.72 9.82
N PRO D 141 6.74 12.78 10.67
CA PRO D 141 6.19 11.52 10.14
C PRO D 141 4.87 11.74 9.41
N ASP D 142 4.42 10.71 8.70
CA ASP D 142 3.11 10.73 8.05
C ASP D 142 2.09 10.12 8.97
N ILE D 143 0.94 10.77 9.04
CA ILE D 143 -0.22 10.25 9.74
C ILE D 143 -1.34 9.99 8.75
#